data_2GSD
#
_entry.id   2GSD
#
_cell.length_a   80.450
_cell.length_b   66.500
_cell.length_c   75.550
_cell.angle_alpha   90.00
_cell.angle_beta   103.57
_cell.angle_gamma   90.00
#
_symmetry.space_group_name_H-M   'C 1 2 1'
#
loop_
_entity.id
_entity.type
_entity.pdbx_description
1 polymer 'NAD-dependent formate dehydrogenase'
2 non-polymer 'AZIDE ION'
3 non-polymer NICOTINAMIDE-ADENINE-DINUCLEOTIDE
4 water water
#
_entity_poly.entity_id   1
_entity_poly.type   'polypeptide(L)'
_entity_poly.pdbx_seq_one_letter_code
;MAKVVCVLYDDPINGYPTSYARDDLPRIDKYPDGQTLPTPKAIDFTPGALLGSVSGELGLRKYLESQGHELVVTSSKDGP
DSELEKHLHDAEVIISQPFWPAYLTAERIAKAPKLKLALTAGIGSDHVDLQAAIDNNITVAEVTYCNSNSVAEHVVMMVL
GLVRNYIPSHDWARNGGWNIADCVARSYDVEGMHVGTVAAGRIGLRVLRLLAPFDMHLHYTDRHRLPEAVEKELNLTWHA
TREDMYGACDVVTLNCPLHPETEHMINDETLKLFKRGAYLVNTARGKLCDRDAIVRALESGRLAGYAGDVWFPQPAPNDH
PWRTMPHNGMTPHISGTSLSAQTRYAAGTREILECYFEGRPIRDEYLIVQGGGLAGVGAHSYSKGNATGGSEEAAKYEKL
DA
;
_entity_poly.pdbx_strand_id   A
#
loop_
_chem_comp.id
_chem_comp.type
_chem_comp.name
_chem_comp.formula
AZI non-polymer 'AZIDE ION' 'N3 -1'
NAD non-polymer NICOTINAMIDE-ADENINE-DINUCLEOTIDE 'C21 H27 N7 O14 P2'
#
# COMPACT_ATOMS: atom_id res chain seq x y z
N ALA A 2 -16.42 -3.80 24.72
CA ALA A 2 -15.60 -2.63 24.28
C ALA A 2 -16.16 -2.08 22.98
N LYS A 3 -15.87 -0.81 22.68
CA LYS A 3 -16.19 -0.25 21.38
C LYS A 3 -15.06 -0.48 20.31
N VAL A 4 -15.45 -1.08 19.16
CA VAL A 4 -14.54 -1.24 18.01
C VAL A 4 -15.02 -0.34 16.85
N VAL A 5 -14.15 0.55 16.41
CA VAL A 5 -14.48 1.41 15.31
C VAL A 5 -13.74 0.85 14.08
N CYS A 6 -14.51 0.60 13.02
CA CYS A 6 -13.99 0.06 11.79
C CYS A 6 -14.26 0.99 10.62
N VAL A 7 -13.22 1.67 10.14
CA VAL A 7 -13.35 2.61 9.03
C VAL A 7 -13.12 1.82 7.71
N LEU A 8 -14.09 1.83 6.81
CA LEU A 8 -14.03 1.04 5.57
C LEU A 8 -14.44 1.92 4.40
N TYR A 9 -14.16 1.54 3.15
CA TYR A 9 -14.53 2.44 2.06
C TYR A 9 -16.00 2.20 1.65
N ASP A 10 -16.58 3.12 0.88
CA ASP A 10 -17.99 2.95 0.41
C ASP A 10 -18.19 1.71 -0.44
N ASP A 11 -19.44 1.19 -0.40
CA ASP A 11 -19.90 0.21 -1.40
C ASP A 11 -19.79 0.75 -2.86
N PRO A 12 -19.87 -0.14 -3.87
CA PRO A 12 -19.88 0.34 -5.28
C PRO A 12 -21.09 1.25 -5.55
N ILE A 13 -20.97 2.12 -6.56
CA ILE A 13 -21.99 3.13 -6.79
C ILE A 13 -23.33 2.53 -7.12
N ASN A 14 -23.37 1.35 -7.73
CA ASN A 14 -24.65 0.75 -8.08
C ASN A 14 -25.12 -0.30 -7.07
N GLY A 15 -24.46 -0.33 -5.92
CA GLY A 15 -24.89 -1.10 -4.78
C GLY A 15 -23.93 -2.23 -4.45
N TYR A 16 -24.15 -2.85 -3.30
CA TYR A 16 -23.32 -3.95 -2.88
C TYR A 16 -23.75 -5.24 -3.55
N PRO A 17 -22.86 -5.86 -4.35
CA PRO A 17 -23.22 -7.03 -5.17
C PRO A 17 -23.31 -8.34 -4.40
N THR A 18 -24.08 -9.30 -4.90
CA THR A 18 -24.04 -10.64 -4.35
C THR A 18 -23.55 -11.62 -5.42
N SER A 19 -23.34 -11.14 -6.65
CA SER A 19 -22.67 -11.98 -7.66
C SER A 19 -21.35 -11.39 -8.21
N TYR A 20 -20.43 -12.31 -8.53
CA TYR A 20 -19.06 -12.03 -8.95
C TYR A 20 -18.72 -12.70 -10.29
N ALA A 21 -17.63 -12.27 -10.92
CA ALA A 21 -17.21 -12.80 -12.21
C ALA A 21 -16.78 -14.28 -12.17
N ARG A 22 -16.20 -14.71 -11.07
CA ARG A 22 -15.88 -16.11 -10.86
C ARG A 22 -16.46 -16.59 -9.55
N ASP A 23 -16.51 -17.91 -9.41
CA ASP A 23 -17.15 -18.59 -8.29
C ASP A 23 -16.21 -18.92 -7.13
N ASP A 24 -14.92 -19.08 -7.42
CA ASP A 24 -13.92 -19.53 -6.42
C ASP A 24 -12.63 -18.71 -6.46
N LEU A 25 -11.88 -18.65 -5.37
CA LEU A 25 -10.50 -18.16 -5.43
C LEU A 25 -9.56 -19.33 -5.62
N PRO A 26 -8.37 -19.10 -6.26
CA PRO A 26 -7.32 -20.12 -6.25
C PRO A 26 -6.91 -20.51 -4.85
N ARG A 27 -6.48 -21.75 -4.66
CA ARG A 27 -5.90 -22.18 -3.39
C ARG A 27 -4.45 -21.76 -3.26
N ILE A 28 -4.11 -21.16 -2.12
CA ILE A 28 -2.76 -20.76 -1.75
C ILE A 28 -2.46 -21.43 -0.40
N ASP A 29 -1.33 -22.12 -0.27
CA ASP A 29 -1.03 -22.89 0.96
C ASP A 29 -0.27 -22.14 2.05
N LYS A 30 0.65 -21.26 1.63
CA LYS A 30 1.51 -20.50 2.53
C LYS A 30 2.20 -19.41 1.71
N TYR A 31 2.93 -18.53 2.39
CA TYR A 31 3.67 -17.46 1.75
C TYR A 31 5.05 -17.97 1.36
N PRO A 32 5.72 -17.25 0.44
CA PRO A 32 6.99 -17.76 -0.09
C PRO A 32 8.17 -17.97 0.93
N ASP A 33 8.25 -17.18 2.00
CA ASP A 33 9.29 -17.33 3.03
C ASP A 33 8.92 -18.37 4.09
N GLY A 34 7.79 -19.07 3.89
CA GLY A 34 7.29 -20.05 4.89
C GLY A 34 6.27 -19.55 5.92
N GLN A 35 6.00 -18.24 5.95
CA GLN A 35 5.02 -17.73 6.88
C GLN A 35 3.66 -18.38 6.57
N THR A 36 2.92 -18.81 7.60
CA THR A 36 1.62 -19.42 7.36
C THR A 36 0.59 -18.30 7.13
N LEU A 37 -0.49 -18.66 6.41
CA LEU A 37 -1.63 -17.75 6.23
C LEU A 37 -2.33 -17.52 7.58
N PRO A 38 -3.16 -16.47 7.68
CA PRO A 38 -3.81 -16.18 8.96
C PRO A 38 -4.52 -17.41 9.55
N THR A 39 -4.62 -17.45 10.87
CA THR A 39 -5.18 -18.62 11.56
C THR A 39 -6.28 -18.23 12.53
N PRO A 40 -7.35 -17.55 12.05
CA PRO A 40 -8.44 -17.28 13.01
C PRO A 40 -9.18 -18.59 13.31
N LYS A 41 -9.89 -18.64 14.43
CA LYS A 41 -10.57 -19.88 14.83
C LYS A 41 -11.74 -20.21 13.90
N ALA A 42 -12.31 -19.17 13.31
CA ALA A 42 -13.39 -19.34 12.35
C ALA A 42 -13.48 -18.09 11.48
N ILE A 43 -14.11 -18.22 10.31
CA ILE A 43 -14.51 -17.04 9.54
C ILE A 43 -16.00 -17.06 9.24
N ASP A 44 -16.63 -15.88 9.27
CA ASP A 44 -18.05 -15.74 8.93
C ASP A 44 -18.27 -15.03 7.60
N PHE A 45 -17.43 -15.30 6.60
CA PHE A 45 -17.65 -14.73 5.29
C PHE A 45 -17.38 -15.77 4.22
N THR A 46 -17.74 -15.42 3.00
CA THR A 46 -17.51 -16.28 1.86
C THR A 46 -16.26 -15.76 1.15
N PRO A 47 -15.19 -16.58 1.05
CA PRO A 47 -14.01 -16.13 0.32
C PRO A 47 -14.34 -15.67 -1.08
N GLY A 48 -13.76 -14.56 -1.50
CA GLY A 48 -14.03 -14.04 -2.84
C GLY A 48 -15.06 -12.91 -2.84
N ALA A 49 -15.76 -12.70 -1.72
CA ALA A 49 -16.72 -11.59 -1.59
C ALA A 49 -16.01 -10.26 -1.30
N LEU A 50 -16.71 -9.17 -1.56
CA LEU A 50 -16.21 -7.85 -1.26
C LEU A 50 -16.29 -7.57 0.25
N LEU A 51 -15.15 -7.50 0.90
CA LEU A 51 -15.06 -7.47 2.38
C LEU A 51 -14.70 -6.14 2.95
N GLY A 52 -14.04 -5.33 2.13
CA GLY A 52 -13.44 -4.08 2.61
C GLY A 52 -14.31 -2.84 2.45
N SER A 53 -15.52 -3.00 1.92
CA SER A 53 -16.50 -1.87 1.93
C SER A 53 -17.40 -1.96 3.16
N VAL A 54 -18.12 -0.88 3.44
CA VAL A 54 -18.94 -0.76 4.62
C VAL A 54 -19.89 -1.95 4.80
N SER A 55 -20.51 -2.44 3.71
CA SER A 55 -21.46 -3.54 3.83
C SER A 55 -20.80 -4.92 3.92
N GLY A 56 -19.51 -5.00 3.59
CA GLY A 56 -18.74 -6.22 3.83
C GLY A 56 -18.29 -6.39 5.28
N GLU A 57 -18.01 -5.28 5.97
CA GLU A 57 -17.68 -5.25 7.40
C GLU A 57 -16.46 -6.11 7.82
N LEU A 58 -15.63 -6.51 6.85
CA LEU A 58 -14.55 -7.50 7.07
C LEU A 58 -15.05 -8.83 7.69
N GLY A 59 -16.34 -9.12 7.54
CA GLY A 59 -16.98 -10.31 8.14
C GLY A 59 -16.86 -10.38 9.66
N LEU A 60 -16.81 -9.23 10.34
CA LEU A 60 -16.54 -9.19 11.79
C LEU A 60 -17.76 -9.03 12.72
N ARG A 61 -18.95 -8.75 12.17
CA ARG A 61 -20.10 -8.40 13.09
C ARG A 61 -20.51 -9.54 14.06
N LYS A 62 -20.81 -10.71 13.54
CA LYS A 62 -21.24 -11.86 14.37
C LYS A 62 -20.25 -12.13 15.49
N TYR A 63 -19.00 -12.37 15.12
CA TYR A 63 -17.95 -12.51 16.11
C TYR A 63 -17.98 -11.42 17.22
N LEU A 64 -18.01 -10.13 16.86
CA LEU A 64 -17.83 -9.10 17.87
C LEU A 64 -19.05 -8.97 18.80
N GLU A 65 -20.23 -8.96 18.19
CA GLU A 65 -21.49 -8.78 18.91
C GLU A 65 -21.76 -9.94 19.84
N SER A 66 -21.57 -11.16 19.36
CA SER A 66 -21.72 -12.32 20.22
C SER A 66 -20.80 -12.30 21.46
N GLN A 67 -19.74 -11.47 21.46
CA GLN A 67 -18.86 -11.34 22.63
C GLN A 67 -19.26 -10.15 23.49
N GLY A 68 -20.30 -9.43 23.07
CA GLY A 68 -20.77 -8.26 23.78
C GLY A 68 -20.08 -6.95 23.44
N HIS A 69 -19.32 -6.95 22.34
CA HIS A 69 -18.65 -5.72 21.92
C HIS A 69 -19.54 -4.95 20.95
N GLU A 70 -19.31 -3.65 20.87
CA GLU A 70 -20.04 -2.78 19.94
C GLU A 70 -19.16 -2.53 18.69
N LEU A 71 -19.64 -2.93 17.50
CA LEU A 71 -18.97 -2.58 16.23
C LEU A 71 -19.59 -1.35 15.56
N VAL A 72 -18.78 -0.30 15.35
CA VAL A 72 -19.19 0.88 14.61
C VAL A 72 -18.49 0.84 13.23
N VAL A 73 -19.26 0.80 12.14
CA VAL A 73 -18.70 0.76 10.79
C VAL A 73 -19.06 2.04 10.12
N THR A 74 -18.08 2.72 9.52
CA THR A 74 -18.35 3.95 8.81
C THR A 74 -17.30 4.18 7.70
N SER A 75 -17.63 5.00 6.69
CA SER A 75 -16.63 5.50 5.75
C SER A 75 -16.26 6.96 6.04
N SER A 76 -16.94 7.56 7.01
CA SER A 76 -16.78 9.00 7.30
C SER A 76 -15.55 9.25 8.23
N LYS A 77 -14.44 9.74 7.68
CA LYS A 77 -13.18 9.69 8.43
C LYS A 77 -12.35 10.99 8.48
N ASP A 78 -12.58 11.88 7.53
CA ASP A 78 -11.77 13.07 7.35
C ASP A 78 -12.59 14.28 7.72
N GLY A 79 -11.94 15.27 8.31
CA GLY A 79 -12.64 16.50 8.71
C GLY A 79 -13.04 16.46 10.18
N PRO A 80 -13.27 17.66 10.78
CA PRO A 80 -13.56 17.80 12.23
C PRO A 80 -14.96 17.29 12.62
N ASP A 81 -15.85 17.10 11.65
CA ASP A 81 -17.20 16.56 11.89
C ASP A 81 -17.45 15.13 11.41
N SER A 82 -16.40 14.33 11.19
CA SER A 82 -16.55 12.96 10.71
C SER A 82 -17.19 12.07 11.78
N GLU A 83 -17.77 10.95 11.36
CA GLU A 83 -18.17 9.92 12.32
C GLU A 83 -17.00 9.42 13.19
N LEU A 84 -15.81 9.31 12.58
CA LEU A 84 -14.64 8.86 13.33
C LEU A 84 -14.40 9.79 14.51
N GLU A 85 -14.43 11.09 14.26
CA GLU A 85 -14.21 12.08 15.30
C GLU A 85 -15.21 11.91 16.49
N LYS A 86 -16.44 11.50 16.21
CA LYS A 86 -17.45 11.32 17.28
C LYS A 86 -17.25 10.07 18.14
N HIS A 87 -16.38 9.15 17.70
CA HIS A 87 -16.28 7.86 18.38
C HIS A 87 -14.94 7.67 19.05
N LEU A 88 -14.05 8.63 18.86
CA LEU A 88 -12.71 8.63 19.44
C LEU A 88 -12.69 8.52 20.97
N HIS A 89 -13.59 9.28 21.64
CA HIS A 89 -13.60 9.42 23.09
C HIS A 89 -13.64 8.09 23.84
N ASP A 90 -14.32 7.07 23.32
CA ASP A 90 -14.40 5.78 24.02
C ASP A 90 -14.03 4.55 23.17
N ALA A 91 -13.38 4.76 22.03
CA ALA A 91 -12.90 3.63 21.20
C ALA A 91 -11.77 2.87 21.88
N GLU A 92 -11.91 1.57 21.99
CA GLU A 92 -10.79 0.74 22.46
C GLU A 92 -9.89 0.20 21.30
N VAL A 93 -10.53 -0.14 20.18
CA VAL A 93 -9.86 -0.64 18.95
C VAL A 93 -10.26 0.23 17.76
N ILE A 94 -9.29 0.67 16.95
CA ILE A 94 -9.65 1.33 15.69
C ILE A 94 -9.02 0.54 14.54
N ILE A 95 -9.85 0.16 13.56
CA ILE A 95 -9.41 -0.61 12.38
C ILE A 95 -9.58 0.27 11.15
N SER A 96 -8.56 0.33 10.28
CA SER A 96 -8.76 0.89 8.94
C SER A 96 -7.77 0.27 7.92
N GLN A 97 -8.03 0.53 6.63
CA GLN A 97 -7.25 -0.07 5.55
C GLN A 97 -6.45 1.07 4.99
N PRO A 98 -5.21 0.80 4.52
CA PRO A 98 -4.45 1.87 3.84
C PRO A 98 -5.19 2.53 2.67
N PHE A 99 -6.07 1.80 1.95
CA PHE A 99 -6.81 2.28 0.77
C PHE A 99 -7.76 3.41 1.11
N TRP A 100 -8.20 3.42 2.38
CA TRP A 100 -9.16 4.43 2.85
C TRP A 100 -8.82 4.68 4.32
N PRO A 101 -7.68 5.37 4.58
CA PRO A 101 -7.09 5.29 5.94
C PRO A 101 -7.61 6.32 6.96
N ALA A 102 -7.89 5.84 8.15
CA ALA A 102 -8.27 6.75 9.27
C ALA A 102 -6.96 7.27 9.83
N TYR A 103 -6.63 8.54 9.55
CA TYR A 103 -5.36 9.09 9.99
C TYR A 103 -5.38 9.32 11.52
N LEU A 104 -4.55 8.60 12.27
CA LEU A 104 -4.48 8.74 13.74
C LEU A 104 -3.31 9.64 14.09
N THR A 105 -3.54 10.95 14.00
CA THR A 105 -2.55 12.00 14.32
C THR A 105 -2.36 12.10 15.85
N ALA A 106 -1.35 12.87 16.29
CA ALA A 106 -1.09 13.03 17.74
C ALA A 106 -2.30 13.60 18.45
N GLU A 107 -2.92 14.62 17.83
CA GLU A 107 -4.08 15.27 18.40
C GLU A 107 -5.24 14.30 18.51
N ARG A 108 -5.40 13.39 17.56
CA ARG A 108 -6.53 12.45 17.67
C ARG A 108 -6.25 11.38 18.71
N ILE A 109 -4.99 10.97 18.83
CA ILE A 109 -4.64 9.93 19.84
C ILE A 109 -4.85 10.47 21.29
N ALA A 110 -4.51 11.74 21.46
CA ALA A 110 -4.73 12.45 22.72
C ALA A 110 -6.21 12.55 23.11
N LYS A 111 -7.11 12.51 22.13
CA LYS A 111 -8.56 12.51 22.37
C LYS A 111 -9.12 11.14 22.68
N ALA A 112 -8.26 10.11 22.65
CA ALA A 112 -8.72 8.73 22.71
C ALA A 112 -8.23 7.95 23.93
N PRO A 113 -8.74 8.28 25.14
CA PRO A 113 -8.14 7.77 26.37
C PRO A 113 -8.32 6.29 26.58
N LYS A 114 -9.34 5.69 25.95
CA LYS A 114 -9.49 4.23 26.07
C LYS A 114 -8.76 3.43 24.99
N LEU A 115 -8.06 4.11 24.08
CA LEU A 115 -7.50 3.40 22.90
C LEU A 115 -6.30 2.55 23.25
N LYS A 116 -6.37 1.26 22.91
CA LYS A 116 -5.30 0.29 23.19
C LYS A 116 -4.66 -0.34 21.94
N LEU A 117 -5.45 -0.50 20.87
CA LEU A 117 -5.01 -1.18 19.65
C LEU A 117 -5.39 -0.41 18.39
N ALA A 118 -4.39 -0.03 17.58
CA ALA A 118 -4.62 0.51 16.23
C ALA A 118 -4.28 -0.58 15.21
N LEU A 119 -5.28 -1.07 14.47
CA LEU A 119 -5.06 -2.24 13.63
C LEU A 119 -5.13 -1.89 12.13
N THR A 120 -4.08 -2.24 11.39
CA THR A 120 -4.06 -1.95 9.95
C THR A 120 -4.54 -3.14 9.16
N ALA A 121 -5.72 -3.01 8.54
CA ALA A 121 -6.24 -4.12 7.69
C ALA A 121 -5.61 -4.02 6.30
N GLY A 122 -4.39 -4.59 6.19
CA GLY A 122 -3.52 -4.46 5.02
C GLY A 122 -2.08 -4.35 5.56
N ILE A 123 -1.21 -3.64 4.84
CA ILE A 123 0.21 -3.49 5.19
C ILE A 123 0.63 -2.03 5.04
N GLY A 124 1.35 -1.47 6.02
CA GLY A 124 1.83 -0.06 5.97
C GLY A 124 1.02 0.76 7.00
N SER A 125 1.65 1.10 8.13
CA SER A 125 0.90 1.72 9.21
C SER A 125 1.29 3.17 9.41
N ASP A 126 1.79 3.78 8.34
CA ASP A 126 2.24 5.16 8.31
C ASP A 126 1.14 6.21 8.41
N HIS A 127 -0.13 5.80 8.30
CA HIS A 127 -1.23 6.73 8.52
C HIS A 127 -1.51 6.92 10.06
N VAL A 128 -0.80 6.16 10.90
CA VAL A 128 -0.78 6.36 12.35
C VAL A 128 0.53 7.05 12.69
N ASP A 129 0.47 8.10 13.54
CA ASP A 129 1.67 8.78 14.04
C ASP A 129 2.38 7.79 14.97
N LEU A 130 3.48 7.22 14.49
CA LEU A 130 4.15 6.15 15.25
C LEU A 130 4.85 6.67 16.53
N GLN A 131 5.39 7.88 16.45
CA GLN A 131 5.94 8.54 17.66
C GLN A 131 4.86 8.66 18.78
N ALA A 132 3.66 9.16 18.42
CA ALA A 132 2.52 9.26 19.36
C ALA A 132 1.99 7.93 19.93
N ALA A 133 1.98 6.86 19.12
CA ALA A 133 1.56 5.54 19.57
C ALA A 133 2.60 4.96 20.56
N ILE A 134 3.89 5.20 20.28
CA ILE A 134 4.97 4.87 21.23
C ILE A 134 4.73 5.63 22.58
N ASP A 135 4.61 6.96 22.50
CA ASP A 135 4.41 7.82 23.69
C ASP A 135 3.18 7.49 24.52
N ASN A 136 2.08 7.11 23.88
CA ASN A 136 0.86 6.78 24.60
C ASN A 136 0.64 5.29 24.85
N ASN A 137 1.65 4.46 24.59
CA ASN A 137 1.56 3.04 24.93
C ASN A 137 0.43 2.29 24.17
N ILE A 138 0.24 2.64 22.90
CA ILE A 138 -0.75 1.95 22.06
C ILE A 138 -0.04 0.85 21.25
N THR A 139 -0.69 -0.30 21.06
CA THR A 139 -0.20 -1.35 20.14
C THR A 139 -0.65 -1.03 18.70
N VAL A 140 0.30 -1.06 17.77
CA VAL A 140 0.03 -0.96 16.34
C VAL A 140 0.38 -2.28 15.67
N ALA A 141 -0.62 -2.90 15.03
CA ALA A 141 -0.39 -4.17 14.33
C ALA A 141 -0.91 -4.10 12.88
N GLU A 142 -0.35 -4.93 11.99
CA GLU A 142 -0.82 -4.98 10.58
C GLU A 142 -0.69 -6.40 10.05
N VAL A 143 -1.31 -6.69 8.90
CA VAL A 143 -1.40 -8.08 8.52
C VAL A 143 -0.29 -8.42 7.52
N THR A 144 0.90 -8.57 8.09
CA THR A 144 2.12 -8.83 7.31
C THR A 144 1.94 -9.91 6.23
N TYR A 145 2.47 -9.60 5.04
CA TYR A 145 2.44 -10.51 3.88
C TYR A 145 1.07 -10.64 3.19
N CYS A 146 0.01 -10.10 3.78
CA CYS A 146 -1.33 -10.43 3.26
C CYS A 146 -1.46 -10.12 1.73
N ASN A 147 -0.79 -9.06 1.24
CA ASN A 147 -1.00 -8.64 -0.14
C ASN A 147 0.31 -8.28 -0.82
N SER A 148 1.45 -8.67 -0.22
CA SER A 148 2.77 -8.37 -0.82
C SER A 148 2.88 -8.95 -2.24
N ASN A 149 2.45 -10.19 -2.42
CA ASN A 149 2.50 -10.77 -3.80
C ASN A 149 1.51 -10.11 -4.76
N SER A 150 0.36 -9.71 -4.23
CA SER A 150 -0.65 -8.99 -5.04
C SER A 150 -0.05 -7.70 -5.60
N VAL A 151 0.69 -6.99 -4.75
CA VAL A 151 1.29 -5.71 -5.18
C VAL A 151 2.41 -5.93 -6.22
N ALA A 152 3.21 -6.97 -6.05
CA ALA A 152 4.29 -7.23 -7.02
C ALA A 152 3.72 -7.54 -8.43
N GLU A 153 2.55 -8.22 -8.53
CA GLU A 153 1.84 -8.35 -9.83
C GLU A 153 1.54 -6.97 -10.47
N HIS A 154 1.00 -6.06 -9.66
CA HIS A 154 0.59 -4.73 -10.09
C HIS A 154 1.82 -3.93 -10.56
N VAL A 155 2.94 -4.08 -9.85
CA VAL A 155 4.18 -3.43 -10.30
C VAL A 155 4.59 -3.83 -11.74
N VAL A 156 4.64 -5.15 -12.00
CA VAL A 156 5.01 -5.65 -13.33
C VAL A 156 4.03 -5.14 -14.38
N MET A 157 2.73 -5.15 -14.01
CA MET A 157 1.68 -4.69 -14.90
C MET A 157 1.94 -3.23 -15.31
N MET A 158 2.31 -2.39 -14.35
CA MET A 158 2.52 -0.97 -14.60
C MET A 158 3.85 -0.66 -15.32
N VAL A 159 4.90 -1.45 -15.04
CA VAL A 159 6.18 -1.32 -15.73
C VAL A 159 5.94 -1.61 -17.23
N LEU A 160 5.24 -2.69 -17.50
CA LEU A 160 4.96 -3.07 -18.90
C LEU A 160 4.01 -2.05 -19.55
N GLY A 161 2.93 -1.68 -18.84
CA GLY A 161 2.00 -0.66 -19.32
C GLY A 161 2.69 0.63 -19.74
N LEU A 162 3.60 1.15 -18.90
CA LEU A 162 4.32 2.41 -19.25
C LEU A 162 5.26 2.31 -20.42
N VAL A 163 6.11 1.28 -20.38
CA VAL A 163 7.15 1.10 -21.37
C VAL A 163 6.53 0.76 -22.74
N ARG A 164 5.52 -0.12 -22.74
CA ARG A 164 4.87 -0.51 -24.00
C ARG A 164 3.79 0.50 -24.49
N ASN A 165 3.38 1.43 -23.63
CA ASN A 165 2.41 2.49 -23.98
C ASN A 165 0.99 1.97 -24.16
N TYR A 166 0.55 1.18 -23.19
CA TYR A 166 -0.78 0.56 -23.26
C TYR A 166 -1.97 1.54 -23.22
N ILE A 167 -2.05 2.37 -22.21
CA ILE A 167 -3.23 3.22 -22.03
C ILE A 167 -3.64 4.10 -23.25
N PRO A 168 -2.71 4.89 -23.80
CA PRO A 168 -3.11 5.68 -24.97
C PRO A 168 -3.47 4.77 -26.15
N SER A 169 -2.82 3.60 -26.26
CA SER A 169 -3.17 2.66 -27.35
C SER A 169 -4.58 2.07 -27.21
N HIS A 170 -4.99 1.74 -25.99
CA HIS A 170 -6.39 1.33 -25.77
C HIS A 170 -7.38 2.46 -26.18
N ASP A 171 -7.05 3.72 -25.87
CA ASP A 171 -7.96 4.84 -26.23
C ASP A 171 -8.16 4.94 -27.74
N TRP A 172 -7.08 4.75 -28.51
CA TRP A 172 -7.21 4.74 -30.00
C TRP A 172 -8.15 3.63 -30.46
N ALA A 173 -8.06 2.46 -29.84
CA ALA A 173 -8.96 1.35 -30.17
C ALA A 173 -10.42 1.64 -29.79
N ARG A 174 -10.69 2.08 -28.56
CA ARG A 174 -12.10 2.31 -28.22
C ARG A 174 -12.69 3.54 -28.93
N ASN A 175 -11.85 4.49 -29.36
CA ASN A 175 -12.32 5.71 -30.09
C ASN A 175 -12.49 5.56 -31.64
N GLY A 176 -12.29 4.35 -32.17
CA GLY A 176 -12.58 4.09 -33.57
C GLY A 176 -11.38 4.17 -34.46
N GLY A 177 -10.19 4.41 -33.90
CA GLY A 177 -8.99 4.60 -34.70
C GLY A 177 -8.14 3.35 -34.96
N TRP A 178 -6.92 3.57 -35.46
CA TRP A 178 -6.00 2.48 -35.77
C TRP A 178 -4.63 3.06 -35.41
N ASN A 179 -4.09 3.94 -36.25
CA ASN A 179 -3.13 4.90 -35.76
C ASN A 179 -1.89 4.26 -35.13
N ILE A 180 -1.31 3.29 -35.83
CA ILE A 180 -0.14 2.52 -35.33
C ILE A 180 1.05 3.40 -34.92
N ALA A 181 1.44 4.30 -35.83
CA ALA A 181 2.59 5.18 -35.54
C ALA A 181 2.35 6.08 -34.32
N ASP A 182 1.10 6.48 -34.07
CA ASP A 182 0.80 7.31 -32.90
C ASP A 182 0.99 6.49 -31.63
N CYS A 183 0.66 5.20 -31.71
CA CYS A 183 0.76 4.30 -30.56
C CYS A 183 2.20 3.97 -30.27
N VAL A 184 2.97 3.69 -31.31
CA VAL A 184 4.29 3.12 -31.06
C VAL A 184 5.45 4.15 -31.09
N ALA A 185 5.14 5.42 -31.30
CA ALA A 185 6.18 6.47 -31.24
C ALA A 185 6.90 6.52 -29.88
N ARG A 186 6.24 5.99 -28.84
CA ARG A 186 6.82 5.88 -27.50
C ARG A 186 6.70 4.44 -26.96
N SER A 187 6.75 3.42 -27.82
CA SER A 187 6.56 2.02 -27.35
C SER A 187 7.86 1.27 -27.45
N TYR A 188 8.35 0.75 -26.32
CA TYR A 188 9.57 -0.06 -26.30
C TYR A 188 9.32 -1.46 -25.71
N ASP A 189 10.26 -2.39 -25.87
CA ASP A 189 10.26 -3.66 -25.11
C ASP A 189 11.08 -3.43 -23.82
N VAL A 190 10.78 -4.17 -22.74
CA VAL A 190 11.62 -4.08 -21.51
C VAL A 190 12.88 -4.97 -21.61
N GLU A 191 12.87 -5.91 -22.55
CA GLU A 191 13.98 -6.86 -22.73
C GLU A 191 15.32 -6.12 -22.78
N GLY A 192 16.25 -6.50 -21.90
CA GLY A 192 17.59 -5.94 -21.91
C GLY A 192 17.73 -4.61 -21.16
N MET A 193 16.61 -4.00 -20.71
CA MET A 193 16.67 -2.83 -19.84
C MET A 193 17.19 -3.12 -18.42
N HIS A 194 17.69 -2.10 -17.75
CA HIS A 194 18.13 -2.23 -16.35
C HIS A 194 17.01 -1.71 -15.44
N VAL A 195 16.67 -2.51 -14.44
CA VAL A 195 15.57 -2.16 -13.51
C VAL A 195 16.18 -2.22 -12.09
N GLY A 196 15.83 -1.27 -11.22
CA GLY A 196 16.30 -1.29 -9.84
C GLY A 196 15.12 -1.09 -8.91
N THR A 197 15.14 -1.77 -7.75
CA THR A 197 14.12 -1.54 -6.71
C THR A 197 14.78 -0.89 -5.47
N VAL A 198 14.12 0.13 -4.94
CA VAL A 198 14.50 0.62 -3.61
C VAL A 198 13.74 -0.26 -2.62
N ALA A 199 14.52 -1.12 -1.97
CA ALA A 199 14.13 -2.18 -1.02
C ALA A 199 13.86 -3.52 -1.68
N ALA A 200 14.32 -4.57 -1.06
CA ALA A 200 13.99 -5.92 -1.46
C ALA A 200 13.38 -6.69 -0.31
N GLY A 201 12.23 -6.19 0.20
CA GLY A 201 11.51 -6.90 1.24
C GLY A 201 10.54 -7.90 0.59
N ARG A 202 9.41 -8.15 1.25
CA ARG A 202 8.47 -9.14 0.73
C ARG A 202 7.97 -8.78 -0.68
N ILE A 203 7.67 -7.50 -0.92
CA ILE A 203 7.28 -7.06 -2.25
C ILE A 203 8.50 -6.93 -3.19
N GLY A 204 9.53 -6.21 -2.74
CA GLY A 204 10.66 -5.87 -3.65
C GLY A 204 11.42 -7.08 -4.15
N LEU A 205 11.64 -8.07 -3.29
CA LEU A 205 12.26 -9.30 -3.73
C LEU A 205 11.38 -10.06 -4.71
N ARG A 206 10.07 -10.09 -4.45
CA ARG A 206 9.12 -10.73 -5.36
C ARG A 206 9.12 -10.06 -6.75
N VAL A 207 9.15 -8.73 -6.78
CA VAL A 207 9.29 -8.01 -8.06
C VAL A 207 10.59 -8.44 -8.83
N LEU A 208 11.73 -8.59 -8.15
CA LEU A 208 12.96 -9.01 -8.87
C LEU A 208 12.82 -10.41 -9.49
N ARG A 209 12.20 -11.32 -8.74
CA ARG A 209 11.96 -12.69 -9.18
C ARG A 209 10.99 -12.72 -10.38
N LEU A 210 9.94 -11.88 -10.35
CA LEU A 210 8.99 -11.80 -11.51
C LEU A 210 9.68 -11.23 -12.77
N LEU A 211 10.62 -10.30 -12.59
CA LEU A 211 11.23 -9.66 -13.78
C LEU A 211 12.45 -10.39 -14.33
N ALA A 212 13.03 -11.33 -13.56
CA ALA A 212 14.20 -12.08 -14.06
C ALA A 212 14.00 -12.73 -15.48
N PRO A 213 12.89 -13.46 -15.70
CA PRO A 213 12.78 -14.10 -17.02
C PRO A 213 12.56 -13.17 -18.21
N PHE A 214 12.18 -11.92 -17.97
CA PHE A 214 12.09 -10.90 -19.03
C PHE A 214 13.47 -10.50 -19.55
N ASP A 215 14.53 -10.99 -18.93
CA ASP A 215 15.91 -10.67 -19.37
C ASP A 215 16.27 -9.19 -19.19
N MET A 216 15.71 -8.59 -18.13
CA MET A 216 16.10 -7.30 -17.56
C MET A 216 17.32 -7.54 -16.65
N HIS A 217 18.19 -6.53 -16.53
CA HIS A 217 19.39 -6.59 -15.67
C HIS A 217 18.92 -6.00 -14.33
N LEU A 218 19.07 -6.78 -13.27
CA LEU A 218 18.43 -6.49 -11.98
C LEU A 218 19.38 -5.80 -10.98
N HIS A 219 18.88 -4.71 -10.37
CA HIS A 219 19.61 -3.86 -9.42
C HIS A 219 18.75 -3.68 -8.16
N TYR A 220 19.42 -3.57 -7.00
CA TYR A 220 18.70 -3.19 -5.78
C TYR A 220 19.53 -2.47 -4.73
N THR A 221 18.82 -1.87 -3.78
CA THR A 221 19.42 -1.42 -2.54
C THR A 221 18.40 -1.66 -1.40
N ASP A 222 18.90 -1.81 -0.15
CA ASP A 222 18.00 -2.01 1.01
C ASP A 222 18.77 -1.61 2.27
N ARG A 223 18.06 -1.25 3.36
CA ARG A 223 18.69 -1.10 4.67
C ARG A 223 19.36 -2.43 5.06
N HIS A 224 18.70 -3.53 4.74
CA HIS A 224 19.19 -4.88 4.97
C HIS A 224 19.60 -5.56 3.67
N ARG A 225 20.90 -5.87 3.52
CA ARG A 225 21.37 -6.55 2.32
C ARG A 225 20.90 -8.02 2.29
N LEU A 226 20.56 -8.52 1.11
CA LEU A 226 20.16 -9.93 0.94
C LEU A 226 21.34 -10.92 1.14
N PRO A 227 21.04 -12.20 1.48
CA PRO A 227 22.12 -13.22 1.49
C PRO A 227 22.82 -13.36 0.14
N GLU A 228 24.10 -13.73 0.17
CA GLU A 228 24.91 -13.82 -1.02
C GLU A 228 24.35 -14.83 -2.01
N ALA A 229 23.76 -15.92 -1.50
CA ALA A 229 23.14 -16.97 -2.33
C ALA A 229 21.95 -16.45 -3.18
N VAL A 230 21.16 -15.58 -2.57
CA VAL A 230 20.03 -14.97 -3.24
C VAL A 230 20.55 -13.98 -4.33
N GLU A 231 21.49 -13.11 -3.96
CA GLU A 231 22.13 -12.19 -4.93
C GLU A 231 22.70 -12.96 -6.14
N LYS A 232 23.32 -14.11 -5.87
CA LYS A 232 23.95 -14.93 -6.90
C LYS A 232 22.93 -15.68 -7.75
N GLU A 233 21.88 -16.22 -7.15
CA GLU A 233 20.80 -16.89 -7.88
C GLU A 233 20.11 -16.01 -8.94
N LEU A 234 19.89 -14.73 -8.61
CA LEU A 234 19.20 -13.77 -9.49
C LEU A 234 20.12 -12.87 -10.27
N ASN A 235 21.43 -13.05 -10.13
CA ASN A 235 22.44 -12.16 -10.69
C ASN A 235 22.16 -10.68 -10.41
N LEU A 236 22.00 -10.39 -9.12
CA LEU A 236 21.67 -9.05 -8.65
C LEU A 236 22.91 -8.17 -8.62
N THR A 237 22.80 -6.93 -9.06
CA THR A 237 23.80 -5.89 -8.79
C THR A 237 23.33 -5.08 -7.54
N TRP A 238 24.22 -5.02 -6.55
CA TRP A 238 23.95 -4.31 -5.27
C TRP A 238 24.47 -2.89 -5.34
N HIS A 239 23.73 -1.93 -4.77
CA HIS A 239 24.17 -0.55 -4.66
C HIS A 239 24.08 -0.16 -3.19
N ALA A 240 25.15 0.41 -2.63
CA ALA A 240 25.10 0.70 -1.19
C ALA A 240 24.20 1.85 -0.77
N THR A 241 23.89 2.79 -1.67
CA THR A 241 22.92 3.84 -1.35
C THR A 241 21.90 3.92 -2.49
N ARG A 242 20.72 4.47 -2.21
CA ARG A 242 19.71 4.63 -3.25
C ARG A 242 20.18 5.58 -4.34
N GLU A 243 20.93 6.61 -3.94
CA GLU A 243 21.42 7.60 -4.92
C GLU A 243 22.45 7.04 -5.93
N ASP A 244 23.26 6.09 -5.52
CA ASP A 244 24.18 5.37 -6.41
C ASP A 244 23.35 4.55 -7.45
N MET A 245 22.19 4.05 -7.04
CA MET A 245 21.43 3.16 -7.92
C MET A 245 20.71 3.89 -9.08
N TYR A 246 20.22 5.10 -8.87
CA TYR A 246 19.34 5.71 -9.88
C TYR A 246 19.95 5.87 -11.27
N GLY A 247 21.23 6.26 -11.32
CA GLY A 247 21.85 6.56 -12.60
C GLY A 247 22.04 5.34 -13.49
N ALA A 248 21.99 4.17 -12.88
CA ALA A 248 22.28 2.91 -13.57
C ALA A 248 21.03 2.25 -14.18
N CYS A 249 19.87 2.84 -13.96
CA CYS A 249 18.56 2.16 -14.23
C CYS A 249 17.74 2.82 -15.29
N ASP A 250 17.16 2.02 -16.19
CA ASP A 250 16.17 2.50 -17.15
C ASP A 250 14.81 2.63 -16.49
N VAL A 251 14.57 1.78 -15.48
CA VAL A 251 13.28 1.68 -14.80
C VAL A 251 13.59 1.62 -13.34
N VAL A 252 12.93 2.45 -12.54
CA VAL A 252 13.12 2.38 -11.06
C VAL A 252 11.74 2.07 -10.43
N THR A 253 11.70 1.14 -9.47
CA THR A 253 10.46 0.83 -8.72
C THR A 253 10.72 1.08 -7.21
N LEU A 254 9.78 1.73 -6.52
CA LEU A 254 9.91 2.02 -5.06
C LEU A 254 9.11 1.02 -4.24
N ASN A 255 9.78 0.32 -3.32
CA ASN A 255 9.11 -0.72 -2.51
C ASN A 255 9.40 -0.65 -1.00
N CYS A 256 9.77 0.53 -0.52
CA CYS A 256 10.10 0.70 0.92
C CYS A 256 8.91 1.31 1.69
N PRO A 257 8.91 1.22 3.04
CA PRO A 257 7.84 1.84 3.85
C PRO A 257 8.04 3.34 3.99
N LEU A 258 7.01 4.03 4.46
CA LEU A 258 7.08 5.47 4.65
C LEU A 258 7.41 5.76 6.13
N HIS A 259 8.55 6.40 6.33
CA HIS A 259 8.98 6.89 7.64
C HIS A 259 10.06 7.99 7.38
N PRO A 260 10.54 8.68 8.43
CA PRO A 260 11.38 9.89 8.17
C PRO A 260 12.60 9.71 7.26
N GLU A 261 13.19 8.52 7.22
CA GLU A 261 14.32 8.24 6.32
C GLU A 261 13.94 8.23 4.85
N THR A 262 12.65 8.06 4.56
CA THR A 262 12.19 7.84 3.17
C THR A 262 11.23 8.88 2.65
N GLU A 263 10.65 9.67 3.56
CA GLU A 263 9.70 10.73 3.18
C GLU A 263 10.33 11.75 2.22
N HIS A 264 9.64 12.05 1.13
CA HIS A 264 10.17 12.95 0.08
C HIS A 264 11.60 12.62 -0.45
N MET A 265 11.94 11.34 -0.51
CA MET A 265 13.26 10.90 -1.02
C MET A 265 13.38 11.14 -2.54
N ILE A 266 12.26 11.15 -3.24
CA ILE A 266 12.27 11.50 -4.65
C ILE A 266 11.86 12.97 -4.74
N ASN A 267 12.77 13.82 -5.16
CA ASN A 267 12.47 15.25 -5.17
C ASN A 267 13.25 15.93 -6.31
N ASP A 268 13.16 17.27 -6.43
CA ASP A 268 13.83 17.96 -7.53
C ASP A 268 15.34 17.65 -7.64
N GLU A 269 15.99 17.49 -6.49
CA GLU A 269 17.42 17.25 -6.47
C GLU A 269 17.77 15.82 -6.84
N THR A 270 17.10 14.84 -6.21
CA THR A 270 17.39 13.45 -6.55
C THR A 270 16.92 13.02 -7.97
N LEU A 271 15.94 13.71 -8.57
CA LEU A 271 15.49 13.35 -9.94
C LEU A 271 16.56 13.63 -10.98
N LYS A 272 17.49 14.52 -10.64
CA LYS A 272 18.59 14.89 -11.49
C LYS A 272 19.56 13.77 -11.72
N LEU A 273 19.55 12.79 -10.82
CA LEU A 273 20.38 11.60 -10.91
C LEU A 273 19.80 10.47 -11.78
N PHE A 274 18.54 10.56 -12.16
CA PHE A 274 17.95 9.52 -13.03
C PHE A 274 18.49 9.69 -14.45
N LYS A 275 18.59 8.60 -15.20
CA LYS A 275 18.79 8.70 -16.67
C LYS A 275 17.67 9.49 -17.33
N ARG A 276 18.00 10.22 -18.39
CA ARG A 276 16.97 10.93 -19.14
C ARG A 276 16.03 9.90 -19.78
N GLY A 277 14.74 10.08 -19.60
CA GLY A 277 13.77 9.15 -20.17
C GLY A 277 13.56 7.86 -19.34
N ALA A 278 13.99 7.87 -18.07
CA ALA A 278 13.70 6.79 -17.13
C ALA A 278 12.19 6.67 -16.83
N TYR A 279 11.81 5.49 -16.35
CA TYR A 279 10.43 5.22 -15.95
C TYR A 279 10.41 5.00 -14.44
N LEU A 280 9.45 5.59 -13.76
CA LEU A 280 9.37 5.42 -12.32
C LEU A 280 8.02 4.81 -11.91
N VAL A 281 8.03 3.72 -11.14
CA VAL A 281 6.80 3.07 -10.64
C VAL A 281 6.84 3.08 -9.11
N ASN A 282 5.76 3.54 -8.49
CA ASN A 282 5.66 3.65 -7.02
C ASN A 282 4.30 3.13 -6.52
N THR A 283 4.29 1.86 -6.10
CA THR A 283 3.17 1.28 -5.38
C THR A 283 3.47 1.19 -3.89
N ALA A 284 4.46 1.91 -3.36
CA ALA A 284 4.74 1.80 -1.93
C ALA A 284 3.88 2.84 -1.16
N ARG A 285 4.33 4.10 -1.11
CA ARG A 285 3.53 5.21 -0.58
C ARG A 285 3.76 6.48 -1.36
N GLY A 286 2.69 7.27 -1.50
CA GLY A 286 2.71 8.50 -2.27
C GLY A 286 3.70 9.53 -1.80
N LYS A 287 3.88 9.62 -0.46
CA LYS A 287 4.72 10.63 0.16
C LYS A 287 6.22 10.35 0.08
N LEU A 288 6.60 9.25 -0.54
CA LEU A 288 8.01 9.07 -0.90
C LEU A 288 8.41 10.10 -1.96
N CYS A 289 7.44 10.64 -2.69
CA CYS A 289 7.73 11.56 -3.80
C CYS A 289 7.25 12.96 -3.48
N ASP A 290 8.07 13.96 -3.73
CA ASP A 290 7.55 15.31 -3.78
C ASP A 290 6.53 15.45 -4.92
N ARG A 291 5.31 15.86 -4.58
CA ARG A 291 4.19 15.88 -5.52
C ARG A 291 4.52 16.66 -6.80
N ASP A 292 5.03 17.88 -6.63
CA ASP A 292 5.22 18.75 -7.80
C ASP A 292 6.51 18.48 -8.54
N ALA A 293 7.49 17.89 -7.85
CA ALA A 293 8.73 17.51 -8.50
C ALA A 293 8.45 16.45 -9.60
N ILE A 294 7.54 15.51 -9.32
CA ILE A 294 7.20 14.46 -10.31
C ILE A 294 6.61 15.07 -11.58
N VAL A 295 5.65 15.95 -11.39
CA VAL A 295 5.02 16.65 -12.53
C VAL A 295 6.06 17.39 -13.42
N ARG A 296 6.97 18.11 -12.77
CA ARG A 296 8.03 18.85 -13.48
C ARG A 296 8.91 17.90 -14.30
N ALA A 297 9.27 16.77 -13.71
CA ALA A 297 10.17 15.83 -14.41
C ALA A 297 9.51 15.19 -15.67
N LEU A 298 8.20 14.98 -15.61
CA LEU A 298 7.47 14.46 -16.77
C LEU A 298 7.32 15.55 -17.84
N GLU A 299 7.10 16.79 -17.41
CA GLU A 299 7.03 17.91 -18.39
C GLU A 299 8.34 18.13 -19.16
N SER A 300 9.50 17.98 -18.51
CA SER A 300 10.83 18.13 -19.17
C SER A 300 11.37 16.89 -19.93
N GLY A 301 10.81 15.70 -19.67
CA GLY A 301 11.31 14.47 -20.31
C GLY A 301 12.41 13.84 -19.50
N ARG A 302 12.68 14.37 -18.31
CA ARG A 302 13.58 13.67 -17.43
C ARG A 302 13.00 12.25 -17.11
N LEU A 303 11.70 12.17 -16.82
CA LEU A 303 10.97 10.89 -16.75
C LEU A 303 10.16 10.70 -18.03
N ALA A 304 10.21 9.50 -18.57
CA ALA A 304 9.42 9.16 -19.76
C ALA A 304 8.03 8.76 -19.29
N GLY A 305 7.86 8.43 -18.02
CA GLY A 305 6.55 7.98 -17.49
C GLY A 305 6.56 7.72 -15.98
N TYR A 306 5.38 7.83 -15.38
CA TYR A 306 5.28 7.53 -13.96
C TYR A 306 3.98 6.75 -13.77
N ALA A 307 4.00 5.72 -12.92
CA ALA A 307 2.73 5.03 -12.60
C ALA A 307 2.76 4.51 -11.19
N GLY A 308 1.59 4.48 -10.56
CA GLY A 308 1.47 3.89 -9.21
C GLY A 308 0.03 3.89 -8.76
N ASP A 309 -0.24 3.30 -7.59
CA ASP A 309 -1.60 3.29 -7.07
C ASP A 309 -1.71 4.09 -5.77
N VAL A 310 -0.62 4.71 -5.30
CA VAL A 310 -0.58 5.35 -3.98
C VAL A 310 -0.32 6.86 -4.11
N TRP A 311 -0.99 7.65 -3.24
CA TRP A 311 -1.09 9.09 -3.38
C TRP A 311 -0.97 9.69 -1.98
N PHE A 312 -0.69 10.99 -1.87
CA PHE A 312 -0.83 11.62 -0.55
C PHE A 312 -1.58 12.95 -0.71
N PRO A 313 -2.63 13.18 0.08
CA PRO A 313 -3.27 12.28 1.08
C PRO A 313 -4.21 11.32 0.37
N GLN A 314 -4.88 10.45 1.13
CA GLN A 314 -5.88 9.57 0.53
C GLN A 314 -7.21 9.71 1.26
N PRO A 315 -8.31 9.89 0.51
CA PRO A 315 -8.42 10.01 -0.94
C PRO A 315 -7.73 11.26 -1.45
N ALA A 316 -7.27 11.21 -2.70
CA ALA A 316 -6.57 12.36 -3.25
C ALA A 316 -7.63 13.39 -3.63
N PRO A 317 -7.37 14.67 -3.37
CA PRO A 317 -8.30 15.67 -3.91
C PRO A 317 -8.62 15.51 -5.40
N ASN A 318 -9.84 15.91 -5.79
CA ASN A 318 -10.30 15.82 -7.20
C ASN A 318 -9.38 16.46 -8.23
N ASP A 319 -8.64 17.49 -7.85
CA ASP A 319 -7.68 18.17 -8.76
C ASP A 319 -6.21 17.91 -8.40
N HIS A 320 -5.95 16.82 -7.69
CA HIS A 320 -4.56 16.43 -7.41
C HIS A 320 -3.82 16.32 -8.77
N PRO A 321 -2.64 16.96 -8.92
CA PRO A 321 -2.04 17.01 -10.25
C PRO A 321 -1.59 15.68 -10.85
N TRP A 322 -1.42 14.62 -10.05
CA TRP A 322 -1.00 13.36 -10.65
C TRP A 322 -2.10 12.76 -11.53
N ARG A 323 -3.35 13.20 -11.37
CA ARG A 323 -4.46 12.65 -12.16
C ARG A 323 -4.35 12.94 -13.67
N THR A 324 -3.74 14.09 -14.00
CA THR A 324 -3.80 14.63 -15.35
C THR A 324 -2.41 14.95 -15.92
N MET A 325 -1.35 14.74 -15.13
CA MET A 325 0.00 14.93 -15.64
C MET A 325 0.29 14.02 -16.87
N PRO A 326 1.27 14.43 -17.71
CA PRO A 326 1.61 13.73 -18.96
C PRO A 326 2.13 12.34 -18.66
N HIS A 327 1.79 11.38 -19.51
CA HIS A 327 2.44 10.06 -19.56
C HIS A 327 2.36 9.34 -18.22
N ASN A 328 1.15 9.30 -17.65
CA ASN A 328 0.99 8.67 -16.34
C ASN A 328 0.15 7.41 -16.51
N GLY A 329 0.37 6.43 -15.64
CA GLY A 329 -0.47 5.24 -15.68
C GLY A 329 -1.13 4.96 -14.33
N MET A 330 -1.59 6.02 -13.64
CA MET A 330 -2.16 5.91 -12.29
C MET A 330 -3.43 5.08 -12.16
N THR A 331 -3.60 4.45 -10.99
CA THR A 331 -4.91 3.95 -10.52
C THR A 331 -5.14 4.56 -9.10
N PRO A 332 -6.38 4.56 -8.61
CA PRO A 332 -6.56 4.79 -7.18
C PRO A 332 -5.90 3.65 -6.40
N HIS A 333 -5.86 3.74 -5.07
CA HIS A 333 -5.10 2.78 -4.25
C HIS A 333 -5.80 1.43 -4.19
N ILE A 334 -5.45 0.54 -5.13
CA ILE A 334 -6.18 -0.73 -5.26
C ILE A 334 -5.40 -2.05 -5.22
N SER A 335 -4.08 -2.01 -5.44
CA SER A 335 -3.38 -3.30 -5.70
C SER A 335 -3.47 -4.21 -4.47
N GLY A 336 -3.40 -3.63 -3.29
CA GLY A 336 -3.42 -4.46 -2.06
C GLY A 336 -4.84 -4.84 -1.62
N THR A 337 -5.87 -4.45 -2.39
CA THR A 337 -7.27 -4.78 -2.01
C THR A 337 -8.02 -5.47 -3.18
N SER A 338 -7.27 -6.25 -3.97
CA SER A 338 -7.91 -7.20 -4.88
C SER A 338 -8.72 -8.15 -4.01
N LEU A 339 -9.71 -8.80 -4.63
CA LEU A 339 -10.62 -9.69 -3.85
C LEU A 339 -9.85 -10.81 -3.20
N SER A 340 -8.79 -11.26 -3.87
CA SER A 340 -8.00 -12.34 -3.37
C SER A 340 -7.29 -11.95 -2.06
N ALA A 341 -6.69 -10.76 -2.05
CA ALA A 341 -6.00 -10.25 -0.87
C ALA A 341 -6.99 -9.96 0.26
N GLN A 342 -8.19 -9.44 -0.07
CA GLN A 342 -9.18 -9.11 0.98
C GLN A 342 -9.51 -10.31 1.86
N THR A 343 -9.63 -11.50 1.27
CA THR A 343 -9.93 -12.63 2.13
C THR A 343 -8.79 -12.97 3.08
N ARG A 344 -7.55 -12.72 2.67
CA ARG A 344 -6.44 -12.96 3.57
C ARG A 344 -6.38 -11.91 4.66
N TYR A 345 -6.53 -10.62 4.34
CA TYR A 345 -6.46 -9.67 5.41
C TYR A 345 -7.70 -9.59 6.34
N ALA A 346 -8.91 -9.93 5.85
CA ALA A 346 -10.06 -10.09 6.77
C ALA A 346 -9.86 -11.25 7.79
N ALA A 347 -9.34 -12.38 7.33
CA ALA A 347 -9.02 -13.49 8.23
C ALA A 347 -7.95 -13.08 9.25
N GLY A 348 -6.89 -12.41 8.78
CA GLY A 348 -5.86 -11.78 9.61
C GLY A 348 -6.35 -10.78 10.64
N THR A 349 -7.30 -9.92 10.26
CA THR A 349 -7.79 -8.94 11.18
C THR A 349 -8.52 -9.68 12.31
N ARG A 350 -9.27 -10.71 11.93
CA ARG A 350 -9.95 -11.53 12.94
C ARG A 350 -8.97 -12.30 13.86
N GLU A 351 -7.90 -12.84 13.29
CA GLU A 351 -6.91 -13.54 14.10
C GLU A 351 -6.36 -12.63 15.20
N ILE A 352 -6.01 -11.39 14.85
CA ILE A 352 -5.45 -10.42 15.77
C ILE A 352 -6.49 -10.03 16.87
N LEU A 353 -7.74 -9.81 16.47
CA LEU A 353 -8.79 -9.48 17.44
C LEU A 353 -9.04 -10.62 18.43
N GLU A 354 -9.07 -11.86 17.93
CA GLU A 354 -9.21 -13.04 18.81
C GLU A 354 -8.07 -13.14 19.84
N CYS A 355 -6.83 -12.93 19.39
CA CYS A 355 -5.70 -12.91 20.31
C CYS A 355 -5.87 -11.82 21.34
N TYR A 356 -6.17 -10.61 20.85
CA TYR A 356 -6.32 -9.44 21.67
C TYR A 356 -7.39 -9.65 22.76
N PHE A 357 -8.57 -10.08 22.35
CA PHE A 357 -9.68 -10.17 23.29
C PHE A 357 -9.50 -11.33 24.30
N GLU A 358 -8.94 -12.45 23.84
CA GLU A 358 -8.69 -13.61 24.67
C GLU A 358 -7.42 -13.55 25.52
N GLY A 359 -6.71 -12.42 25.47
CA GLY A 359 -5.44 -12.27 26.17
C GLY A 359 -4.29 -13.17 25.72
N ARG A 360 -4.27 -13.56 24.45
CA ARG A 360 -3.11 -14.27 23.85
C ARG A 360 -2.17 -13.30 23.08
N PRO A 361 -0.88 -13.66 22.92
CA PRO A 361 0.02 -12.69 22.24
C PRO A 361 -0.27 -12.62 20.75
N ILE A 362 -0.16 -11.42 20.19
CA ILE A 362 -0.27 -11.26 18.74
C ILE A 362 1.03 -11.76 18.08
N ARG A 363 0.94 -12.45 16.93
CA ARG A 363 2.16 -12.87 16.20
C ARG A 363 3.23 -11.79 16.14
N ASP A 364 4.47 -12.16 16.38
CA ASP A 364 5.53 -11.14 16.28
C ASP A 364 5.57 -10.51 14.89
N GLU A 365 5.32 -11.30 13.84
CA GLU A 365 5.42 -10.74 12.47
C GLU A 365 4.35 -9.67 12.15
N TYR A 366 3.23 -9.68 12.90
CA TYR A 366 2.22 -8.62 12.81
C TYR A 366 2.48 -7.34 13.58
N LEU A 367 3.50 -7.29 14.43
CA LEU A 367 3.66 -6.11 15.29
C LEU A 367 4.48 -5.01 14.68
N ILE A 368 4.02 -3.78 14.91
CA ILE A 368 4.73 -2.63 14.47
C ILE A 368 5.28 -1.85 15.69
N VAL A 369 4.39 -1.57 16.63
CA VAL A 369 4.69 -0.89 17.89
C VAL A 369 4.00 -1.65 19.02
N GLN A 370 4.77 -1.93 20.07
CA GLN A 370 4.18 -2.46 21.28
C GLN A 370 5.05 -2.15 22.49
N GLY A 371 4.39 -1.71 23.57
CA GLY A 371 5.06 -1.42 24.84
C GLY A 371 6.05 -0.27 24.74
N GLY A 372 5.64 0.85 24.14
CA GLY A 372 6.53 2.02 24.06
C GLY A 372 7.78 1.90 23.19
N GLY A 373 7.78 1.01 22.20
CA GLY A 373 8.88 0.97 21.24
C GLY A 373 8.47 0.27 19.96
N LEU A 374 9.26 0.44 18.90
CA LEU A 374 9.15 -0.46 17.75
C LEU A 374 9.29 -1.91 18.17
N ALA A 375 8.55 -2.79 17.49
CA ALA A 375 8.58 -4.21 17.76
C ALA A 375 8.31 -5.01 16.48
N GLY A 376 8.55 -6.32 16.54
CA GLY A 376 8.33 -7.24 15.42
C GLY A 376 8.81 -6.63 14.10
N VAL A 377 7.98 -6.66 13.07
CA VAL A 377 8.45 -6.16 11.76
C VAL A 377 8.72 -4.65 11.79
N GLY A 378 8.05 -3.95 12.72
CA GLY A 378 8.30 -2.53 12.96
C GLY A 378 9.79 -2.29 13.20
N ALA A 379 10.43 -3.14 14.01
CA ALA A 379 11.85 -2.92 14.34
C ALA A 379 12.74 -3.17 13.10
N HIS A 380 12.34 -4.13 12.25
CA HIS A 380 13.12 -4.45 11.01
C HIS A 380 13.01 -3.33 9.95
N SER A 381 11.79 -2.81 9.76
CA SER A 381 11.49 -2.04 8.55
C SER A 381 11.29 -0.56 8.72
N TYR A 382 11.02 -0.13 9.96
CA TYR A 382 10.71 1.28 10.21
C TYR A 382 11.73 2.03 11.06
N SER A 383 11.60 3.35 11.08
CA SER A 383 12.24 4.19 12.10
C SER A 383 11.16 5.00 12.83
N LYS A 384 11.50 5.51 14.03
CA LYS A 384 10.62 6.35 14.82
C LYS A 384 10.30 7.67 14.11
N GLY A 385 9.06 8.11 14.21
CA GLY A 385 8.69 9.42 13.68
C GLY A 385 7.23 9.44 13.28
N ASN A 386 6.86 10.56 12.66
CA ASN A 386 5.48 10.86 12.32
C ASN A 386 5.44 11.20 10.82
N ALA A 387 4.60 10.52 10.06
CA ALA A 387 4.46 10.80 8.63
C ALA A 387 3.08 11.34 8.23
N THR A 388 2.27 11.68 9.23
CA THR A 388 0.87 12.10 9.03
C THR A 388 0.65 13.61 8.72
N GLY A 389 1.72 14.43 8.80
CA GLY A 389 1.60 15.85 8.49
C GLY A 389 1.00 16.08 7.10
N GLY A 390 -0.01 16.95 7.01
CA GLY A 390 -0.62 17.23 5.71
C GLY A 390 -1.84 16.40 5.40
N SER A 391 -2.14 15.41 6.23
CA SER A 391 -3.22 14.50 5.93
C SER A 391 -4.61 15.12 6.05
N GLU A 392 -4.73 16.31 6.67
CA GLU A 392 -6.04 17.01 6.76
C GLU A 392 -6.62 17.33 5.38
N GLU A 393 -5.71 17.50 4.41
CA GLU A 393 -6.09 17.81 3.03
C GLU A 393 -7.05 16.75 2.39
N ALA A 394 -7.13 15.54 2.94
CA ALA A 394 -8.05 14.51 2.40
C ALA A 394 -9.52 14.95 2.51
N ALA A 395 -9.79 15.88 3.44
CA ALA A 395 -11.13 16.43 3.64
C ALA A 395 -11.65 17.14 2.39
N LYS A 396 -10.77 17.57 1.50
CA LYS A 396 -11.18 18.27 0.27
C LYS A 396 -11.79 17.37 -0.84
N TYR A 397 -11.55 16.07 -0.77
CA TYR A 397 -12.14 15.14 -1.74
C TYR A 397 -13.68 15.14 -1.69
N GLU A 398 -14.30 15.22 -2.86
CA GLU A 398 -15.77 15.05 -2.96
C GLU A 398 -16.12 13.91 -3.91
N LYS A 399 -17.03 13.03 -3.51
CA LYS A 399 -17.56 11.95 -4.34
C LYS A 399 -18.01 12.39 -5.76
N LEU A 400 -17.76 11.53 -6.74
CA LEU A 400 -18.05 11.76 -8.19
C LEU A 400 -16.98 12.57 -8.95
N1 AZI B . -1.21 -0.48 1.32
N2 AZI B . -1.61 -1.52 1.64
N3 AZI B . -1.91 -2.56 2.06
PA NAD C . 8.62 -5.42 4.15
O1A NAD C . 8.67 -4.94 5.57
O2A NAD C . 8.77 -6.87 4.03
O5B NAD C . 9.72 -4.66 3.29
C5B NAD C . 10.14 -3.34 3.53
C4B NAD C . 11.61 -3.27 3.11
O4B NAD C . 12.03 -1.90 3.09
C3B NAD C . 12.54 -4.01 4.10
O3B NAD C . 13.41 -4.86 3.37
C2B NAD C . 13.35 -2.90 4.79
O2B NAD C . 14.69 -3.27 5.17
C1B NAD C . 13.32 -1.84 3.69
N9A NAD C . 13.61 -0.49 4.17
C8A NAD C . 13.18 0.13 5.33
N7A NAD C . 13.69 1.37 5.35
C5A NAD C . 14.46 1.53 4.25
C6A NAD C . 15.25 2.58 3.79
N6A NAD C . 15.58 3.62 4.57
N1A NAD C . 15.91 2.38 2.61
C2A NAD C . 15.86 1.23 1.85
N3A NAD C . 15.09 0.18 2.34
C4A NAD C . 14.42 0.35 3.49
O3 NAD C . 7.21 -4.88 3.58
PN NAD C . 6.49 -5.22 2.17
O1N NAD C . 7.56 -5.37 1.12
O2N NAD C . 5.39 -6.20 2.41
O5D NAD C . 5.82 -3.81 1.88
C5D NAD C . 6.65 -2.65 1.85
C4D NAD C . 5.80 -1.39 1.83
O4D NAD C . 5.00 -1.36 0.65
C3D NAD C . 4.79 -1.28 2.97
O3D NAD C . 5.36 -0.81 4.17
C2D NAD C . 3.73 -0.34 2.38
O2D NAD C . 3.99 1.03 2.65
C1D NAD C . 3.81 -0.61 0.86
N1N NAD C . 2.64 -1.44 0.47
C2N NAD C . 1.72 -0.91 -0.40
C3N NAD C . 0.60 -1.65 -0.76
C7N NAD C . -0.31 -1.25 -1.87
O7N NAD C . 0.08 -0.35 -2.89
N7N NAD C . -1.50 -1.81 -1.88
C4N NAD C . 0.43 -2.94 -0.22
C5N NAD C . 1.37 -3.47 0.67
C6N NAD C . 2.50 -2.69 1.01
#